data_6XQ3
#
_entry.id   6XQ3
#
_cell.length_a   102.475
_cell.length_b   102.475
_cell.length_c   101.812
_cell.angle_alpha   90.000
_cell.angle_beta   90.000
_cell.angle_gamma   120.000
#
_symmetry.space_group_name_H-M   'P 62'
#
loop_
_entity.id
_entity.type
_entity.pdbx_description
1 polymer 'Advanced glycosylation end product-specific receptor'
2 non-polymer 'ACETATE ION'
3 non-polymer 'CHLORIDE ION'
4 non-polymer '3-(3-{[3-(4-carboxyphenoxy)phenyl]methoxy}phenyl)-1H-indole-2-carboxylic acid'
5 water water
#
_entity_poly.entity_id   1
_entity_poly.type   'polypeptide(L)'
_entity_poly.pdbx_seq_one_letter_code
;GAMAQNITARIGEPLVLKCKGAPKKPPQRLEWKLNTGRTEAWKVLSPQGGGPWDSVARVLPNGSLFLPAVGIQDEGIFRC
QAMNRNGKETKSNYRVRVYQIPGKPEIVDSASELTAGVPNKVGTCVSEGSYPAGTLSWHLDGKPLVPNEKGVSVKEQTRR
HPETGLFTLQSELMVTPARGGDPRPTFSCSFSPGLPRHRALRTAPIQPRVWE
;
_entity_poly.pdbx_strand_id   A,B
#
loop_
_chem_comp.id
_chem_comp.type
_chem_comp.name
_chem_comp.formula
ACT non-polymer 'ACETATE ION' 'C2 H3 O2 -1'
CL non-polymer 'CHLORIDE ION' 'Cl -1'
V6Y non-polymer '3-(3-{[3-(4-carboxyphenoxy)phenyl]methoxy}phenyl)-1H-indole-2-carboxylic acid' 'C29 H21 N O6'
#
# COMPACT_ATOMS: atom_id res chain seq x y z
N GLY A 1 8.22 -24.60 5.80
CA GLY A 1 9.04 -23.70 5.00
C GLY A 1 9.85 -22.80 5.93
N ALA A 2 10.29 -21.68 5.40
CA ALA A 2 11.06 -20.72 6.18
C ALA A 2 10.15 -19.62 6.68
N MET A 3 10.70 -18.78 7.55
CA MET A 3 10.02 -17.54 7.92
C MET A 3 9.82 -16.65 6.71
N ALA A 4 8.64 -16.07 6.63
CA ALA A 4 8.29 -15.23 5.52
C ALA A 4 7.35 -14.12 5.94
N GLN A 5 7.27 -13.08 5.11
CA GLN A 5 6.22 -12.09 5.25
CA GLN A 5 6.23 -12.08 5.25
C GLN A 5 4.97 -12.61 4.58
N ASN A 6 3.88 -12.67 5.33
CA ASN A 6 2.57 -13.02 4.75
C ASN A 6 2.02 -11.88 3.90
N ILE A 7 1.56 -12.18 2.68
CA ILE A 7 1.00 -11.17 1.78
C ILE A 7 -0.37 -11.68 1.39
N THR A 8 -1.40 -10.84 1.52
CA THR A 8 -2.71 -11.21 0.99
C THR A 8 -3.02 -10.34 -0.21
N ALA A 9 -3.36 -10.98 -1.30
CA ALA A 9 -3.44 -10.32 -2.58
C ALA A 9 -4.82 -10.59 -3.16
N ARG A 10 -5.56 -9.54 -3.48
CA ARG A 10 -6.92 -9.73 -3.99
C ARG A 10 -6.86 -10.10 -5.46
N ILE A 11 -7.64 -11.12 -5.84
CA ILE A 11 -7.71 -11.52 -7.23
C ILE A 11 -8.10 -10.34 -8.15
N GLY A 12 -7.38 -10.23 -9.26
CA GLY A 12 -7.62 -9.24 -10.29
C GLY A 12 -6.89 -7.93 -10.06
N GLU A 13 -6.29 -7.78 -8.90
CA GLU A 13 -5.63 -6.51 -8.59
C GLU A 13 -4.17 -6.70 -8.83
N PRO A 14 -3.43 -5.62 -9.02
CA PRO A 14 -1.97 -5.73 -9.14
C PRO A 14 -1.33 -6.04 -7.82
N LEU A 15 -0.11 -6.62 -7.91
CA LEU A 15 0.69 -6.84 -6.72
C LEU A 15 2.13 -6.44 -7.03
N VAL A 16 2.72 -5.66 -6.10
CA VAL A 16 4.13 -5.26 -6.17
C VAL A 16 4.80 -5.85 -4.95
N LEU A 17 5.86 -6.65 -5.15
CA LEU A 17 6.62 -7.26 -4.06
C LEU A 17 8.02 -6.63 -4.06
N LYS A 18 8.43 -6.11 -2.89
CA LYS A 18 9.71 -5.41 -2.77
C LYS A 18 10.90 -6.37 -2.74
N CYS A 19 11.97 -6.05 -3.47
CA CYS A 19 13.23 -6.81 -3.38
C CYS A 19 14.13 -6.04 -2.39
N LYS A 20 14.07 -6.46 -1.14
CA LYS A 20 14.82 -5.79 -0.06
C LYS A 20 16.30 -5.71 -0.41
N GLY A 21 16.92 -4.55 -0.16
CA GLY A 21 18.35 -4.55 -0.41
C GLY A 21 18.76 -4.35 -1.84
N ALA A 22 17.85 -4.15 -2.75
CA ALA A 22 18.33 -4.03 -4.12
C ALA A 22 18.76 -2.58 -4.37
N PRO A 23 19.74 -2.32 -5.25
CA PRO A 23 20.00 -0.91 -5.67
C PRO A 23 18.74 -0.28 -6.23
N LYS A 24 18.57 1.05 -6.09
CA LYS A 24 17.27 1.65 -6.43
C LYS A 24 17.01 1.61 -7.92
N LYS A 25 18.05 1.44 -8.72
CA LYS A 25 17.93 1.50 -10.16
C LYS A 25 19.05 0.65 -10.75
N PRO A 26 18.87 0.19 -11.99
CA PRO A 26 19.87 -0.69 -12.62
C PRO A 26 21.22 0.00 -12.68
N PRO A 27 22.33 -0.78 -12.68
CA PRO A 27 22.39 -2.26 -12.75
C PRO A 27 22.18 -2.93 -11.39
N GLN A 28 21.50 -4.08 -11.36
CA GLN A 28 21.21 -4.74 -10.10
C GLN A 28 21.48 -6.24 -10.22
N ARG A 29 22.28 -6.72 -9.29
CA ARG A 29 22.55 -8.13 -9.12
C ARG A 29 21.42 -8.63 -8.24
N LEU A 30 20.30 -9.00 -8.87
CA LEU A 30 19.22 -9.56 -8.06
C LEU A 30 18.53 -10.63 -8.87
N GLU A 31 17.90 -11.56 -8.15
CA GLU A 31 17.16 -12.63 -8.80
C GLU A 31 15.88 -12.89 -8.02
N TRP A 32 14.76 -13.12 -8.71
CA TRP A 32 13.53 -13.58 -8.04
C TRP A 32 13.31 -15.07 -8.35
N LYS A 33 12.80 -15.79 -7.36
CA LYS A 33 12.42 -17.21 -7.50
C LYS A 33 11.00 -17.35 -7.00
N LEU A 34 10.14 -18.12 -7.73
CA LEU A 34 8.79 -18.23 -7.21
C LEU A 34 8.31 -19.66 -7.41
N ASN A 35 7.50 -20.14 -6.49
CA ASN A 35 6.90 -21.49 -6.61
C ASN A 35 5.43 -21.25 -6.34
N THR A 36 4.64 -21.34 -7.41
CA THR A 36 3.22 -20.98 -7.30
C THR A 36 2.43 -22.03 -8.05
N GLY A 37 1.15 -21.80 -8.18
CA GLY A 37 0.37 -22.74 -8.98
C GLY A 37 0.71 -22.76 -10.44
N ARG A 38 1.40 -21.74 -10.93
CA ARG A 38 1.88 -21.67 -12.31
C ARG A 38 3.12 -22.48 -12.54
N THR A 39 3.89 -22.82 -11.50
CA THR A 39 5.23 -23.35 -11.72
C THR A 39 5.34 -24.83 -11.39
N GLU A 40 6.32 -25.47 -12.01
CA GLU A 40 6.83 -26.76 -11.54
C GLU A 40 8.02 -26.46 -10.60
N ALA A 41 7.75 -26.54 -9.30
CA ALA A 41 8.79 -26.19 -8.29
C ALA A 41 9.25 -24.74 -8.55
N TRP A 42 10.55 -24.41 -8.44
CA TRP A 42 10.92 -23.01 -8.52
CA TRP A 42 11.02 -23.02 -8.51
C TRP A 42 11.22 -22.53 -9.94
N LYS A 43 10.74 -21.34 -10.24
CA LYS A 43 11.00 -20.63 -11.49
C LYS A 43 11.82 -19.41 -11.14
N VAL A 44 12.94 -19.16 -11.89
CA VAL A 44 13.75 -17.99 -11.66
C VAL A 44 13.36 -16.89 -12.65
N LEU A 45 13.21 -15.67 -12.16
CA LEU A 45 12.90 -14.50 -12.99
C LEU A 45 14.04 -13.50 -12.83
N SER A 46 14.50 -12.94 -13.94
CA SER A 46 15.60 -11.99 -13.91
C SER A 46 15.15 -10.61 -14.33
N PRO A 47 15.95 -9.56 -13.99
CA PRO A 47 15.60 -8.21 -14.47
C PRO A 47 15.40 -8.13 -15.98
N GLN A 48 16.19 -8.85 -16.79
CA GLN A 48 16.00 -8.74 -18.23
C GLN A 48 14.66 -9.30 -18.63
N GLY A 49 14.16 -10.27 -17.87
CA GLY A 49 12.89 -10.83 -18.25
C GLY A 49 12.96 -11.52 -19.58
N GLY A 50 11.85 -11.49 -20.29
CA GLY A 50 11.75 -12.23 -21.52
C GLY A 50 10.69 -13.31 -21.42
N GLY A 51 10.12 -13.67 -22.57
CA GLY A 51 9.23 -14.80 -22.67
C GLY A 51 7.85 -14.59 -22.09
N PRO A 52 7.13 -15.73 -22.05
CA PRO A 52 5.72 -15.69 -21.63
C PRO A 52 5.55 -15.20 -20.21
N TRP A 53 6.57 -15.37 -19.36
CA TRP A 53 6.45 -14.83 -18.02
C TRP A 53 6.31 -13.30 -18.00
N ASP A 54 6.78 -12.59 -19.05
CA ASP A 54 6.60 -11.16 -19.10
C ASP A 54 5.12 -10.79 -18.98
N SER A 55 4.21 -11.65 -19.46
CA SER A 55 2.79 -11.32 -19.33
C SER A 55 2.26 -11.44 -17.91
N VAL A 56 2.99 -12.14 -17.03
CA VAL A 56 2.47 -12.51 -15.75
C VAL A 56 3.17 -11.75 -14.62
N ALA A 57 4.51 -11.79 -14.59
CA ALA A 57 5.26 -11.17 -13.49
C ALA A 57 6.56 -10.66 -14.08
N ARG A 58 6.83 -9.36 -13.89
CA ARG A 58 8.02 -8.75 -14.47
C ARG A 58 8.76 -7.91 -13.43
N VAL A 59 10.08 -7.84 -13.53
CA VAL A 59 10.87 -7.06 -12.57
C VAL A 59 10.88 -5.61 -12.99
N LEU A 60 10.53 -4.72 -12.05
CA LEU A 60 10.47 -3.26 -12.24
C LEU A 60 11.87 -2.63 -12.23
N PRO A 61 11.96 -1.38 -12.63
CA PRO A 61 13.24 -0.69 -12.51
C PRO A 61 13.85 -0.72 -11.15
N ASN A 62 13.06 -0.62 -10.11
CA ASN A 62 13.60 -0.64 -8.77
C ASN A 62 13.83 -2.06 -8.23
N GLY A 63 13.63 -3.06 -9.07
CA GLY A 63 13.91 -4.44 -8.65
C GLY A 63 12.72 -5.14 -8.04
N SER A 64 11.60 -4.44 -7.81
CA SER A 64 10.43 -5.12 -7.29
C SER A 64 9.82 -6.00 -8.37
N LEU A 65 9.04 -7.01 -7.93
CA LEU A 65 8.35 -7.88 -8.87
C LEU A 65 6.93 -7.39 -8.98
N PHE A 66 6.41 -7.27 -10.22
CA PHE A 66 5.08 -6.73 -10.51
C PHE A 66 4.25 -7.77 -11.24
N LEU A 67 3.08 -8.03 -10.67
CA LEU A 67 2.04 -8.82 -11.34
C LEU A 67 0.87 -7.87 -11.63
N PRO A 68 0.51 -7.68 -12.89
CA PRO A 68 -0.56 -6.70 -13.21
C PRO A 68 -1.92 -7.13 -12.69
N ALA A 69 -2.19 -8.44 -12.59
CA ALA A 69 -3.54 -8.87 -12.19
C ALA A 69 -3.42 -10.27 -11.58
N VAL A 70 -3.44 -10.34 -10.24
CA VAL A 70 -3.21 -11.60 -9.51
C VAL A 70 -4.34 -12.56 -9.82
N GLY A 71 -4.00 -13.83 -9.97
CA GLY A 71 -5.02 -14.86 -10.11
C GLY A 71 -4.84 -15.96 -9.08
N ILE A 72 -5.79 -16.92 -9.08
CA ILE A 72 -5.71 -17.99 -8.10
C ILE A 72 -4.41 -18.76 -8.22
N GLN A 73 -3.88 -18.89 -9.44
CA GLN A 73 -2.67 -19.71 -9.57
C GLN A 73 -1.44 -18.96 -9.12
N ASP A 74 -1.55 -17.68 -8.75
CA ASP A 74 -0.36 -17.02 -8.20
C ASP A 74 -0.12 -17.26 -6.70
N GLU A 75 -1.00 -17.95 -5.99
CA GLU A 75 -0.73 -18.38 -4.64
C GLU A 75 0.59 -19.13 -4.54
N GLY A 76 1.39 -18.80 -3.53
CA GLY A 76 2.61 -19.60 -3.40
C GLY A 76 3.71 -18.78 -2.69
N ILE A 77 4.95 -19.06 -3.04
CA ILE A 77 6.08 -18.43 -2.35
C ILE A 77 6.88 -17.62 -3.35
N PHE A 78 7.30 -16.39 -2.97
CA PHE A 78 8.05 -15.50 -3.88
C PHE A 78 9.27 -15.02 -3.13
N ARG A 79 10.47 -15.22 -3.69
CA ARG A 79 11.69 -14.85 -2.97
C ARG A 79 12.58 -14.01 -3.85
N CYS A 80 13.30 -13.07 -3.21
CA CYS A 80 14.32 -12.29 -3.90
C CYS A 80 15.65 -12.42 -3.19
N GLN A 81 16.73 -12.42 -3.97
CA GLN A 81 18.06 -12.32 -3.40
C GLN A 81 18.78 -11.23 -4.14
N ALA A 82 19.29 -10.23 -3.40
CA ALA A 82 19.92 -9.07 -4.02
C ALA A 82 21.28 -8.86 -3.39
N MET A 83 22.18 -8.30 -4.18
CA MET A 83 23.44 -7.74 -3.68
C MET A 83 23.40 -6.21 -3.84
N ASN A 84 23.77 -5.47 -2.81
CA ASN A 84 23.87 -4.02 -3.02
C ASN A 84 25.23 -3.67 -3.61
N ARG A 85 25.49 -2.36 -3.81
CA ARG A 85 26.72 -1.90 -4.42
C ARG A 85 27.97 -2.28 -3.61
N ASN A 86 27.83 -2.47 -2.30
CA ASN A 86 28.96 -2.90 -1.48
C ASN A 86 29.20 -4.40 -1.62
N GLY A 87 28.14 -5.21 -1.54
CA GLY A 87 28.27 -6.65 -1.62
C GLY A 87 27.46 -7.41 -0.57
N LYS A 88 26.79 -6.68 0.31
CA LYS A 88 25.88 -7.28 1.25
C LYS A 88 24.75 -7.97 0.47
N GLU A 89 24.52 -9.25 0.76
CA GLU A 89 23.35 -9.97 0.21
C GLU A 89 22.17 -9.79 1.13
N THR A 90 20.99 -9.67 0.53
CA THR A 90 19.79 -9.48 1.33
C THR A 90 18.75 -10.37 0.69
N LYS A 91 18.04 -11.07 1.55
CA LYS A 91 16.95 -11.97 1.13
C LYS A 91 15.57 -11.37 1.41
N SER A 92 14.59 -11.69 0.53
CA SER A 92 13.21 -11.31 0.74
C SER A 92 12.39 -12.59 0.55
N ASN A 93 11.47 -12.87 1.47
CA ASN A 93 10.70 -14.13 1.40
C ASN A 93 9.26 -13.78 1.68
N TYR A 94 8.36 -14.08 0.72
CA TYR A 94 6.96 -13.71 0.82
C TYR A 94 6.11 -14.97 0.64
N ARG A 95 5.10 -15.14 1.49
CA ARG A 95 4.08 -16.20 1.29
C ARG A 95 2.83 -15.47 0.84
N VAL A 96 2.44 -15.67 -0.45
CA VAL A 96 1.34 -14.92 -1.08
C VAL A 96 0.09 -15.79 -1.05
N ARG A 97 -0.95 -15.30 -0.41
CA ARG A 97 -2.27 -15.96 -0.32
C ARG A 97 -3.27 -15.09 -1.06
N VAL A 98 -4.07 -15.70 -1.99
CA VAL A 98 -4.97 -14.92 -2.81
C VAL A 98 -6.41 -15.00 -2.27
N TYR A 99 -7.16 -13.95 -2.52
CA TYR A 99 -8.58 -13.94 -2.07
C TYR A 99 -9.46 -13.15 -2.99
N GLN A 100 -10.78 -13.39 -2.85
CA GLN A 100 -11.79 -12.50 -3.40
C GLN A 100 -12.94 -12.35 -2.43
N ILE A 101 -13.51 -11.16 -2.38
CA ILE A 101 -14.68 -10.87 -1.54
C ILE A 101 -15.93 -11.17 -2.34
N PRO A 102 -16.85 -11.98 -1.79
CA PRO A 102 -18.09 -12.24 -2.48
C PRO A 102 -19.00 -11.03 -2.41
N GLY A 103 -20.06 -11.07 -3.24
CA GLY A 103 -21.16 -10.13 -3.08
C GLY A 103 -21.80 -10.27 -1.73
N LYS A 104 -22.51 -9.23 -1.30
CA LYS A 104 -23.28 -9.30 -0.07
C LYS A 104 -24.16 -10.56 -0.06
N PRO A 105 -24.20 -11.31 1.04
CA PRO A 105 -25.04 -12.51 1.08
C PRO A 105 -26.51 -12.14 1.09
N GLU A 106 -27.31 -13.10 0.62
CA GLU A 106 -28.75 -12.88 0.45
C GLU A 106 -29.49 -14.06 1.04
N ILE A 107 -30.66 -13.82 1.66
CA ILE A 107 -31.52 -14.94 2.01
C ILE A 107 -32.57 -15.09 0.93
N VAL A 108 -32.76 -16.33 0.46
CA VAL A 108 -33.86 -16.75 -0.44
C VAL A 108 -34.78 -17.80 0.20
N ASP A 109 -36.03 -17.86 -0.29
CA ASP A 109 -37.04 -18.82 0.16
C ASP A 109 -37.29 -18.70 1.66
N SER A 110 -37.30 -17.48 2.17
CA SER A 110 -37.50 -17.32 3.60
C SER A 110 -38.95 -17.64 3.97
N ALA A 111 -39.13 -18.21 5.16
CA ALA A 111 -40.48 -18.50 5.62
C ALA A 111 -41.12 -17.27 6.24
N SER A 112 -42.42 -17.06 5.96
CA SER A 112 -43.16 -16.02 6.63
CA SER A 112 -43.19 -16.01 6.62
C SER A 112 -43.79 -16.49 7.93
N GLU A 113 -44.09 -17.78 8.04
CA GLU A 113 -44.77 -18.37 9.18
CA GLU A 113 -44.73 -18.33 9.21
C GLU A 113 -43.93 -19.53 9.70
N LEU A 114 -43.70 -19.58 11.02
CA LEU A 114 -43.17 -20.79 11.65
C LEU A 114 -44.17 -21.33 12.65
N THR A 115 -44.21 -22.65 12.80
CA THR A 115 -45.00 -23.25 13.87
C THR A 115 -44.08 -23.72 15.00
N ALA A 116 -44.40 -23.30 16.22
CA ALA A 116 -43.61 -23.68 17.38
C ALA A 116 -43.73 -25.17 17.65
N GLY A 117 -42.63 -25.78 18.09
CA GLY A 117 -42.67 -27.18 18.48
C GLY A 117 -42.50 -28.19 17.36
N VAL A 118 -42.37 -27.75 16.12
CA VAL A 118 -42.15 -28.63 14.98
C VAL A 118 -41.01 -28.05 14.18
N PRO A 119 -40.36 -28.86 13.36
CA PRO A 119 -39.27 -28.33 12.53
C PRO A 119 -39.84 -27.49 11.41
N ASN A 120 -39.16 -26.37 11.12
CA ASN A 120 -39.55 -25.45 10.06
C ASN A 120 -38.33 -25.12 9.22
N LYS A 121 -38.51 -24.96 7.90
CA LYS A 121 -37.50 -24.34 7.06
C LYS A 121 -37.57 -22.82 7.21
N VAL A 122 -36.50 -22.19 7.74
CA VAL A 122 -36.48 -20.75 7.92
C VAL A 122 -36.08 -20.04 6.63
N GLY A 123 -35.03 -20.51 5.96
CA GLY A 123 -34.61 -19.86 4.74
C GLY A 123 -33.32 -20.50 4.23
N THR A 124 -32.86 -19.95 3.11
CA THR A 124 -31.60 -20.36 2.46
C THR A 124 -30.74 -19.16 2.26
N CYS A 125 -29.51 -19.20 2.76
CA CYS A 125 -28.61 -18.07 2.61
C CYS A 125 -27.63 -18.42 1.48
N VAL A 126 -27.32 -17.44 0.63
CA VAL A 126 -26.46 -17.67 -0.53
C VAL A 126 -25.41 -16.59 -0.58
N SER A 127 -24.16 -16.99 -0.85
CA SER A 127 -23.05 -16.07 -1.05
CA SER A 127 -23.08 -16.05 -1.08
C SER A 127 -22.34 -16.47 -2.34
N GLU A 128 -22.05 -15.50 -3.22
CA GLU A 128 -21.48 -15.77 -4.53
C GLU A 128 -20.20 -14.99 -4.73
N GLY A 129 -19.15 -15.72 -5.09
CA GLY A 129 -17.93 -15.18 -5.59
C GLY A 129 -16.78 -15.07 -4.61
N SER A 130 -16.67 -15.96 -3.64
CA SER A 130 -15.58 -15.85 -2.67
C SER A 130 -14.34 -16.68 -3.06
N TYR A 131 -13.13 -16.26 -2.57
CA TYR A 131 -12.00 -17.19 -2.56
C TYR A 131 -11.17 -16.76 -1.36
N PRO A 132 -10.71 -17.68 -0.52
CA PRO A 132 -11.12 -19.08 -0.48
C PRO A 132 -12.59 -19.20 -0.13
N ALA A 133 -13.09 -20.44 0.00
CA ALA A 133 -14.55 -20.57 0.07
C ALA A 133 -15.16 -19.71 1.19
N GLY A 134 -14.60 -19.77 2.42
CA GLY A 134 -15.25 -19.12 3.54
C GLY A 134 -16.43 -19.97 3.99
N THR A 135 -17.20 -19.44 4.94
CA THR A 135 -18.31 -20.22 5.51
C THR A 135 -19.50 -19.30 5.77
N LEU A 136 -20.71 -19.91 5.79
CA LEU A 136 -21.90 -19.20 6.19
C LEU A 136 -22.38 -19.65 7.57
N SER A 137 -22.95 -18.71 8.32
CA SER A 137 -23.52 -19.08 9.61
C SER A 137 -24.78 -18.25 9.87
N TRP A 138 -25.61 -18.75 10.77
CA TRP A 138 -26.90 -18.17 11.08
C TRP A 138 -26.92 -17.59 12.49
N HIS A 139 -27.74 -16.55 12.68
CA HIS A 139 -27.92 -15.84 13.95
C HIS A 139 -29.40 -15.69 14.22
N LEU A 140 -29.75 -15.76 15.50
CA LEU A 140 -31.11 -15.59 16.00
C LEU A 140 -31.04 -14.53 17.08
N ASP A 141 -31.65 -13.37 16.84
CA ASP A 141 -31.67 -12.28 17.82
C ASP A 141 -30.24 -11.92 18.26
N GLY A 142 -29.37 -11.73 17.26
CA GLY A 142 -28.00 -11.30 17.48
C GLY A 142 -27.09 -12.31 18.16
N LYS A 143 -27.49 -13.56 18.26
CA LYS A 143 -26.63 -14.58 18.83
C LYS A 143 -26.42 -15.68 17.80
N PRO A 144 -25.24 -16.29 17.74
CA PRO A 144 -25.02 -17.35 16.76
C PRO A 144 -25.89 -18.56 17.07
N LEU A 145 -26.48 -19.13 16.02
CA LEU A 145 -27.19 -20.39 16.10
C LEU A 145 -26.24 -21.54 15.82
N VAL A 146 -26.19 -22.52 16.73
CA VAL A 146 -25.24 -23.61 16.65
C VAL A 146 -25.95 -24.83 16.07
N PRO A 147 -25.53 -25.37 14.93
CA PRO A 147 -26.18 -26.57 14.39
C PRO A 147 -26.12 -27.74 15.37
N ASN A 148 -27.17 -28.56 15.33
CA ASN A 148 -27.32 -29.76 16.16
C ASN A 148 -27.39 -29.44 17.65
N GLU A 149 -27.74 -28.21 18.00
CA GLU A 149 -28.07 -27.87 19.38
C GLU A 149 -29.45 -27.21 19.39
N LYS A 150 -30.32 -27.69 20.27
CA LYS A 150 -31.58 -27.00 20.58
C LYS A 150 -32.49 -26.87 19.35
N GLY A 151 -32.73 -27.99 18.66
CA GLY A 151 -33.65 -28.01 17.53
C GLY A 151 -33.22 -27.16 16.32
N VAL A 152 -31.93 -26.99 16.11
CA VAL A 152 -31.40 -26.28 14.95
C VAL A 152 -30.78 -27.32 14.02
N SER A 153 -31.08 -27.25 12.73
CA SER A 153 -30.29 -28.04 11.80
CA SER A 153 -30.42 -28.08 11.73
C SER A 153 -29.94 -27.20 10.58
N VAL A 154 -28.78 -27.49 10.00
CA VAL A 154 -28.29 -26.74 8.86
C VAL A 154 -27.80 -27.75 7.86
N LYS A 155 -28.09 -27.49 6.57
CA LYS A 155 -27.45 -28.19 5.47
C LYS A 155 -26.71 -27.20 4.59
N GLU A 156 -25.56 -27.63 4.02
CA GLU A 156 -24.67 -26.73 3.30
C GLU A 156 -24.30 -27.28 1.95
N GLN A 157 -24.06 -26.36 1.02
CA GLN A 157 -23.66 -26.70 -0.35
C GLN A 157 -22.58 -25.74 -0.82
N THR A 158 -21.60 -26.27 -1.57
CA THR A 158 -20.54 -25.44 -2.19
C THR A 158 -20.44 -25.75 -3.67
N ARG A 159 -20.42 -24.70 -4.49
CA ARG A 159 -20.20 -24.85 -5.94
CA ARG A 159 -20.23 -24.83 -5.94
C ARG A 159 -19.12 -23.90 -6.37
N ARG A 160 -18.50 -24.22 -7.51
CA ARG A 160 -17.47 -23.34 -8.06
C ARG A 160 -17.89 -22.81 -9.40
N HIS A 161 -17.56 -21.52 -9.67
CA HIS A 161 -17.79 -20.99 -11.01
C HIS A 161 -16.86 -21.69 -12.00
N PRO A 162 -17.38 -22.22 -13.12
CA PRO A 162 -16.55 -23.05 -14.00
C PRO A 162 -15.41 -22.35 -14.66
N GLU A 163 -15.49 -21.03 -14.82
CA GLU A 163 -14.37 -20.33 -15.43
C GLU A 163 -13.52 -19.60 -14.41
N THR A 164 -14.13 -18.96 -13.42
CA THR A 164 -13.30 -18.15 -12.49
C THR A 164 -12.79 -18.91 -11.30
N GLY A 165 -13.39 -20.05 -10.96
CA GLY A 165 -12.94 -20.75 -9.79
C GLY A 165 -13.50 -20.25 -8.49
N LEU A 166 -14.28 -19.17 -8.51
CA LEU A 166 -14.78 -18.57 -7.28
C LEU A 166 -15.95 -19.40 -6.72
N PHE A 167 -16.08 -19.37 -5.39
CA PHE A 167 -17.08 -20.20 -4.70
C PHE A 167 -18.45 -19.55 -4.47
N THR A 168 -19.50 -20.35 -4.63
CA THR A 168 -20.86 -19.97 -4.23
C THR A 168 -21.25 -20.91 -3.11
N LEU A 169 -21.70 -20.35 -1.99
CA LEU A 169 -22.06 -21.15 -0.83
C LEU A 169 -23.55 -21.01 -0.62
N GLN A 170 -24.23 -22.11 -0.19
CA GLN A 170 -25.63 -22.10 0.19
CA GLN A 170 -25.63 -22.05 0.22
C GLN A 170 -25.78 -22.75 1.57
N SER A 171 -26.67 -22.21 2.40
CA SER A 171 -26.86 -22.75 3.72
C SER A 171 -28.36 -22.70 3.99
N GLU A 172 -28.95 -23.87 4.24
CA GLU A 172 -30.39 -24.00 4.55
C GLU A 172 -30.56 -24.19 6.06
N LEU A 173 -31.35 -23.33 6.68
CA LEU A 173 -31.60 -23.39 8.13
C LEU A 173 -32.98 -23.95 8.42
N MET A 174 -33.06 -24.95 9.29
CA MET A 174 -34.31 -25.38 9.91
C MET A 174 -34.22 -25.18 11.42
N VAL A 175 -35.34 -24.76 12.04
CA VAL A 175 -35.37 -24.62 13.49
C VAL A 175 -36.68 -25.20 14.02
N THR A 176 -36.65 -25.68 15.26
CA THR A 176 -37.88 -26.02 15.99
C THR A 176 -38.10 -24.97 17.06
N PRO A 177 -38.95 -23.96 16.86
CA PRO A 177 -39.07 -22.90 17.86
C PRO A 177 -39.65 -23.45 19.17
N ALA A 178 -39.08 -22.98 20.26
CA ALA A 178 -39.52 -23.44 21.57
C ALA A 178 -40.87 -22.86 21.91
N ARG A 179 -41.75 -23.70 22.45
CA ARG A 179 -43.08 -23.25 22.86
C ARG A 179 -42.97 -22.09 23.84
N GLY A 180 -43.94 -21.20 23.76
CA GLY A 180 -43.91 -20.01 24.60
C GLY A 180 -42.73 -19.10 24.33
N GLY A 181 -42.23 -19.07 23.10
CA GLY A 181 -41.07 -18.26 22.75
C GLY A 181 -41.46 -16.90 22.17
N ASP A 182 -40.44 -16.17 21.73
CA ASP A 182 -40.65 -14.88 21.08
C ASP A 182 -41.48 -15.08 19.81
N PRO A 183 -42.59 -14.34 19.64
CA PRO A 183 -43.44 -14.57 18.45
C PRO A 183 -42.96 -13.88 17.18
N ARG A 184 -42.02 -12.93 17.24
CA ARG A 184 -41.43 -12.32 16.05
C ARG A 184 -39.89 -12.37 16.11
N PRO A 185 -39.29 -13.56 16.04
CA PRO A 185 -37.82 -13.68 16.08
C PRO A 185 -37.15 -13.02 14.87
N THR A 186 -35.86 -12.69 15.04
CA THR A 186 -35.11 -12.06 13.96
C THR A 186 -33.94 -12.96 13.60
N PHE A 187 -33.93 -13.46 12.37
CA PHE A 187 -32.84 -14.32 11.91
C PHE A 187 -31.99 -13.57 10.91
N SER A 188 -30.70 -13.93 10.85
CA SER A 188 -29.88 -13.38 9.78
C SER A 188 -28.76 -14.37 9.51
N CYS A 189 -28.08 -14.15 8.39
CA CYS A 189 -26.98 -15.02 7.96
C CYS A 189 -25.75 -14.16 7.72
N SER A 190 -24.55 -14.69 8.04
CA SER A 190 -23.29 -13.98 7.85
CA SER A 190 -23.29 -13.98 7.83
C SER A 190 -22.33 -14.85 7.05
N PHE A 191 -21.56 -14.21 6.17
CA PHE A 191 -20.43 -14.83 5.47
C PHE A 191 -19.15 -14.47 6.22
N SER A 192 -18.38 -15.50 6.58
CA SER A 192 -17.08 -15.32 7.24
CA SER A 192 -17.09 -15.34 7.25
C SER A 192 -15.98 -15.71 6.27
N PRO A 193 -15.12 -14.75 5.87
CA PRO A 193 -14.01 -15.05 4.96
C PRO A 193 -13.04 -16.05 5.54
N GLY A 194 -12.31 -16.68 4.62
CA GLY A 194 -11.28 -17.63 5.04
C GLY A 194 -10.02 -16.98 5.58
N LEU A 195 -9.66 -15.85 5.10
CA LEU A 195 -8.37 -15.34 5.60
C LEU A 195 -8.52 -14.54 6.92
N PRO A 196 -7.49 -14.44 7.76
CA PRO A 196 -7.60 -13.67 9.03
C PRO A 196 -7.81 -12.16 8.85
N ARG A 197 -8.57 -11.57 9.79
CA ARG A 197 -8.79 -10.13 9.85
C ARG A 197 -9.71 -9.60 8.75
N HIS A 198 -10.15 -10.42 7.80
CA HIS A 198 -11.13 -9.93 6.82
C HIS A 198 -12.52 -9.87 7.47
N ARG A 199 -13.29 -8.83 7.16
CA ARG A 199 -14.56 -8.58 7.82
C ARG A 199 -15.64 -9.54 7.32
N ALA A 200 -16.56 -9.90 8.22
CA ALA A 200 -17.77 -10.63 7.86
C ALA A 200 -18.75 -9.73 7.08
N LEU A 201 -19.62 -10.37 6.31
CA LEU A 201 -20.67 -9.68 5.59
C LEU A 201 -21.99 -10.30 6.08
N ARG A 202 -23.04 -9.48 6.17
CA ARG A 202 -24.27 -9.92 6.83
C ARG A 202 -25.47 -9.66 5.94
N THR A 203 -26.49 -10.52 6.06
CA THR A 203 -27.70 -10.30 5.29
C THR A 203 -28.61 -9.35 6.03
N ALA A 204 -29.57 -8.81 5.27
CA ALA A 204 -30.76 -8.23 5.88
C ALA A 204 -31.47 -9.27 6.75
N PRO A 205 -32.06 -8.85 7.85
CA PRO A 205 -32.78 -9.79 8.71
C PRO A 205 -34.08 -10.28 8.09
N ILE A 206 -34.52 -11.41 8.58
CA ILE A 206 -35.88 -11.84 8.31
C ILE A 206 -36.61 -12.04 9.63
N GLN A 207 -37.91 -11.74 9.63
CA GLN A 207 -38.71 -11.71 10.85
C GLN A 207 -39.99 -12.49 10.61
N PRO A 208 -39.94 -13.81 10.70
CA PRO A 208 -41.17 -14.59 10.56
C PRO A 208 -42.07 -14.39 11.77
N ARG A 209 -43.33 -14.80 11.60
CA ARG A 209 -44.24 -14.93 12.71
C ARG A 209 -44.25 -16.36 13.20
N VAL A 210 -44.19 -16.53 14.51
CA VAL A 210 -44.28 -17.86 15.11
C VAL A 210 -45.64 -18.07 15.76
N TRP A 211 -46.26 -19.18 15.40
CA TRP A 211 -47.56 -19.58 15.95
C TRP A 211 -47.38 -20.57 17.08
N GLU A 212 -47.97 -20.26 18.21
CA GLU A 212 -48.01 -21.23 19.28
C GLU A 212 -48.96 -22.34 18.89
N GLY B 1 -7.69 24.52 -7.13
CA GLY B 1 -8.15 23.30 -7.78
C GLY B 1 -9.38 22.75 -7.02
N ALA B 2 -9.64 21.47 -7.23
CA ALA B 2 -10.72 20.81 -6.53
C ALA B 2 -10.16 20.03 -5.35
N MET B 3 -11.07 19.52 -4.52
CA MET B 3 -10.67 18.56 -3.50
C MET B 3 -10.10 17.30 -4.13
N ALA B 4 -9.01 16.84 -3.54
CA ALA B 4 -8.32 15.67 -4.04
C ALA B 4 -7.70 14.86 -2.91
N GLN B 5 -7.38 13.61 -3.22
CA GLN B 5 -6.56 12.83 -2.31
CA GLN B 5 -6.55 12.80 -2.33
C GLN B 5 -5.10 13.15 -2.59
N ASN B 6 -4.39 13.55 -1.54
CA ASN B 6 -2.93 13.75 -1.64
C ASN B 6 -2.19 12.42 -1.75
N ILE B 7 -1.27 12.31 -2.72
CA ILE B 7 -0.49 11.09 -2.91
C ILE B 7 0.96 11.52 -2.87
N THR B 8 1.79 10.86 -2.08
CA THR B 8 3.22 11.13 -2.16
C THR B 8 3.92 9.91 -2.74
N ALA B 9 4.71 10.15 -3.78
CA ALA B 9 5.22 9.05 -4.59
C ALA B 9 6.75 9.20 -4.63
N ARG B 10 7.45 8.16 -4.23
CA ARG B 10 8.92 8.25 -4.19
C ARG B 10 9.46 8.07 -5.59
N ILE B 11 10.40 8.94 -5.97
CA ILE B 11 11.06 8.83 -7.27
C ILE B 11 11.69 7.44 -7.46
N GLY B 12 11.44 6.86 -8.65
CA GLY B 12 11.99 5.59 -9.07
C GLY B 12 11.13 4.39 -8.68
N GLU B 13 10.12 4.62 -7.90
CA GLU B 13 9.28 3.52 -7.43
C GLU B 13 8.04 3.50 -8.27
N PRO B 14 7.36 2.36 -8.33
CA PRO B 14 6.06 2.32 -9.00
C PRO B 14 4.99 3.05 -8.24
N LEU B 15 3.94 3.44 -9.00
CA LEU B 15 2.77 4.03 -8.40
C LEU B 15 1.54 3.42 -9.07
N VAL B 16 0.59 2.99 -8.25
CA VAL B 16 -0.72 2.49 -8.72
C VAL B 16 -1.76 3.42 -8.14
N LEU B 17 -2.60 4.03 -9.01
CA LEU B 17 -3.69 4.92 -8.60
C LEU B 17 -5.02 4.24 -8.92
N LYS B 18 -5.88 4.14 -7.92
CA LYS B 18 -7.15 3.43 -8.06
C LYS B 18 -8.18 4.25 -8.83
N CYS B 19 -8.89 3.59 -9.76
CA CYS B 19 -10.04 4.23 -10.44
C CYS B 19 -11.30 3.82 -9.69
N LYS B 20 -11.74 4.67 -8.75
CA LYS B 20 -12.87 4.36 -7.88
C LYS B 20 -14.10 4.08 -8.73
N GLY B 21 -14.87 3.04 -8.34
CA GLY B 21 -16.08 2.84 -9.09
C GLY B 21 -15.90 2.09 -10.39
N ALA B 22 -14.78 1.66 -10.70
CA ALA B 22 -14.67 1.01 -11.98
C ALA B 22 -15.06 -0.46 -11.82
N PRO B 23 -15.64 -1.08 -12.86
CA PRO B 23 -15.81 -2.56 -12.83
C PRO B 23 -14.48 -3.26 -12.63
N LYS B 24 -14.52 -4.46 -12.00
CA LYS B 24 -13.27 -5.11 -11.58
C LYS B 24 -12.41 -5.62 -12.74
N LYS B 25 -12.98 -5.77 -13.92
CA LYS B 25 -12.27 -6.30 -15.08
C LYS B 25 -12.98 -5.80 -16.33
N PRO B 26 -12.30 -5.77 -17.48
CA PRO B 26 -12.93 -5.26 -18.70
C PRO B 26 -14.19 -6.05 -19.01
N PRO B 27 -15.18 -5.42 -19.70
CA PRO B 27 -15.14 -4.07 -20.30
C PRO B 27 -15.41 -2.94 -19.31
N GLN B 28 -14.71 -1.82 -19.45
CA GLN B 28 -14.89 -0.73 -18.50
C GLN B 28 -14.96 0.59 -19.22
N ARG B 29 -16.03 1.31 -18.93
CA ARG B 29 -16.24 2.66 -19.41
C ARG B 29 -15.52 3.53 -18.41
N LEU B 30 -14.22 3.75 -18.65
CA LEU B 30 -13.52 4.64 -17.73
C LEU B 30 -12.48 5.39 -18.53
N GLU B 31 -12.10 6.57 -18.01
CA GLU B 31 -11.09 7.39 -18.66
C GLU B 31 -10.21 8.02 -17.60
N TRP B 32 -8.89 8.07 -17.81
CA TRP B 32 -7.97 8.82 -16.95
C TRP B 32 -7.56 10.10 -17.65
N LYS B 33 -7.42 11.18 -16.89
CA LYS B 33 -6.89 12.46 -17.41
C LYS B 33 -5.79 12.89 -16.49
N LEU B 34 -4.66 13.41 -17.03
CA LEU B 34 -3.60 13.79 -16.11
C LEU B 34 -2.98 15.10 -16.62
N ASN B 35 -2.56 15.93 -15.69
CA ASN B 35 -1.84 17.18 -16.04
C ASN B 35 -0.62 17.16 -15.16
N THR B 36 0.54 16.93 -15.78
CA THR B 36 1.76 16.76 -15.00
C THR B 36 2.86 17.51 -15.72
N GLY B 37 4.06 17.36 -15.25
CA GLY B 37 5.17 17.99 -15.96
C GLY B 37 5.42 17.45 -17.35
N ARG B 38 4.90 16.28 -17.64
CA ARG B 38 4.98 15.66 -18.97
C ARG B 38 3.98 16.24 -19.96
N THR B 39 2.90 16.87 -19.49
CA THR B 39 1.79 17.19 -20.40
C THR B 39 1.67 18.70 -20.68
N GLU B 40 1.07 18.97 -21.83
CA GLU B 40 0.51 20.31 -22.10
C GLU B 40 -0.96 20.28 -21.64
N ALA B 41 -1.20 20.84 -20.47
CA ALA B 41 -2.58 20.79 -19.89
C ALA B 41 -3.01 19.32 -19.76
N TRP B 42 -4.26 18.97 -20.04
CA TRP B 42 -4.78 17.60 -19.78
CA TRP B 42 -4.67 17.60 -19.75
C TRP B 42 -4.44 16.63 -20.90
N LYS B 43 -3.96 15.46 -20.54
CA LYS B 43 -3.78 14.33 -21.46
C LYS B 43 -4.77 13.25 -21.05
N VAL B 44 -5.53 12.68 -22.03
CA VAL B 44 -6.46 11.60 -21.73
C VAL B 44 -5.81 10.25 -22.02
N LEU B 45 -5.93 9.31 -21.09
CA LEU B 45 -5.42 7.93 -21.23
C LEU B 45 -6.60 6.98 -21.17
N SER B 46 -6.62 6.02 -22.08
CA SER B 46 -7.73 5.07 -22.16
C SER B 46 -7.27 3.67 -21.83
N PRO B 47 -8.21 2.76 -21.48
CA PRO B 47 -7.82 1.37 -21.26
C PRO B 47 -7.05 0.74 -22.41
N GLN B 48 -7.40 1.04 -23.66
CA GLN B 48 -6.66 0.40 -24.75
C GLN B 48 -5.23 0.92 -24.78
N GLY B 49 -5.01 2.15 -24.32
CA GLY B 49 -3.66 2.66 -24.36
C GLY B 49 -3.15 2.80 -25.77
N GLY B 50 -1.85 2.59 -25.92
CA GLY B 50 -1.22 2.82 -27.19
C GLY B 50 -0.21 3.94 -27.09
N GLY B 51 0.81 3.88 -27.96
CA GLY B 51 1.76 4.96 -28.11
C GLY B 51 2.77 5.10 -27.01
N PRO B 52 3.50 6.23 -27.10
CA PRO B 52 4.60 6.49 -26.18
C PRO B 52 4.17 6.54 -24.74
N TRP B 53 2.92 6.93 -24.48
CA TRP B 53 2.48 6.91 -23.09
C TRP B 53 2.48 5.52 -22.49
N ASP B 54 2.39 4.45 -23.31
CA ASP B 54 2.46 3.11 -22.76
C ASP B 54 3.75 2.92 -21.96
N SER B 55 4.83 3.62 -22.34
CA SER B 55 6.07 3.46 -21.57
C SER B 55 6.01 4.14 -20.20
N VAL B 56 5.07 5.04 -19.98
CA VAL B 56 5.07 5.88 -18.82
C VAL B 56 3.93 5.53 -17.86
N ALA B 57 2.70 5.48 -18.38
CA ALA B 57 1.53 5.28 -17.50
C ALA B 57 0.53 4.46 -18.29
N ARG B 58 0.10 3.32 -17.74
CA ARG B 58 -0.81 2.46 -18.48
C ARG B 58 -1.95 2.00 -17.58
N VAL B 59 -3.13 1.80 -18.17
CA VAL B 59 -4.29 1.35 -17.38
C VAL B 59 -4.25 -0.16 -17.21
N LEU B 60 -4.34 -0.63 -15.95
CA LEU B 60 -4.33 -2.05 -15.60
C LEU B 60 -5.67 -2.73 -15.89
N PRO B 61 -5.70 -4.05 -15.84
CA PRO B 61 -6.98 -4.75 -16.00
C PRO B 61 -8.06 -4.26 -15.06
N ASN B 62 -7.74 -3.93 -13.83
CA ASN B 62 -8.76 -3.47 -12.91
C ASN B 62 -9.07 -1.96 -13.05
N GLY B 63 -8.49 -1.34 -14.06
CA GLY B 63 -8.79 0.07 -14.32
C GLY B 63 -7.89 1.05 -13.60
N SER B 64 -7.00 0.57 -12.72
CA SER B 64 -6.08 1.48 -12.07
C SER B 64 -5.02 1.94 -13.07
N LEU B 65 -4.40 3.11 -12.75
CA LEU B 65 -3.34 3.64 -13.58
C LEU B 65 -2.02 3.23 -12.94
N PHE B 66 -1.09 2.73 -13.77
CA PHE B 66 0.20 2.21 -13.30
C PHE B 66 1.34 2.97 -13.97
N LEU B 67 2.20 3.51 -13.13
CA LEU B 67 3.48 4.07 -13.56
C LEU B 67 4.60 3.18 -13.01
N PRO B 68 5.40 2.57 -13.85
CA PRO B 68 6.43 1.63 -13.36
C PRO B 68 7.51 2.31 -12.56
N ALA B 69 7.83 3.59 -12.86
CA ALA B 69 8.92 4.23 -12.12
C ALA B 69 8.69 5.74 -12.17
N VAL B 70 8.19 6.31 -11.05
CA VAL B 70 7.79 7.72 -10.98
C VAL B 70 9.03 8.59 -11.14
N GLY B 71 8.88 9.69 -11.87
CA GLY B 71 9.94 10.68 -11.97
C GLY B 71 9.46 12.07 -11.58
N ILE B 72 10.40 13.03 -11.54
CA ILE B 72 10.04 14.38 -11.13
C ILE B 72 8.93 14.94 -12.02
N GLN B 73 8.94 14.57 -13.30
CA GLN B 73 7.95 15.19 -14.17
C GLN B 73 6.59 14.57 -13.99
N ASP B 74 6.45 13.52 -13.17
CA ASP B 74 5.09 13.02 -12.94
C ASP B 74 4.31 13.76 -11.85
N GLU B 75 4.91 14.72 -11.17
CA GLU B 75 4.16 15.59 -10.28
C GLU B 75 2.96 16.23 -10.99
N GLY B 76 1.80 16.23 -10.32
CA GLY B 76 0.69 16.93 -10.96
C GLY B 76 -0.65 16.34 -10.49
N ILE B 77 -1.63 16.37 -11.39
CA ILE B 77 -2.99 15.97 -11.00
C ILE B 77 -3.40 14.79 -11.87
N PHE B 78 -4.04 13.76 -11.26
CA PHE B 78 -4.43 12.55 -12.01
C PHE B 78 -5.90 12.28 -11.67
N ARG B 79 -6.75 12.15 -12.68
CA ARG B 79 -8.19 11.99 -12.41
C ARG B 79 -8.71 10.81 -13.17
N CYS B 80 -9.70 10.12 -12.57
CA CYS B 80 -10.43 9.07 -13.29
C CYS B 80 -11.90 9.34 -13.26
N GLN B 81 -12.60 8.99 -14.33
CA GLN B 81 -14.06 9.01 -14.34
C GLN B 81 -14.51 7.66 -14.85
N ALA B 82 -15.33 6.93 -14.05
CA ALA B 82 -15.76 5.60 -14.42
C ALA B 82 -17.27 5.52 -14.33
N MET B 83 -17.84 4.65 -15.15
CA MET B 83 -19.20 4.20 -14.94
C MET B 83 -19.21 2.71 -14.58
N ASN B 84 -19.98 2.32 -13.56
CA ASN B 84 -20.11 0.88 -13.27
C ASN B 84 -21.18 0.26 -14.17
N ARG B 85 -21.45 -1.05 -13.95
CA ARG B 85 -22.39 -1.79 -14.80
C ARG B 85 -23.81 -1.23 -14.75
N ASN B 86 -24.18 -0.55 -13.66
CA ASN B 86 -25.51 0.06 -13.53
C ASN B 86 -25.61 1.38 -14.29
N GLY B 87 -24.60 2.25 -14.17
CA GLY B 87 -24.64 3.55 -14.81
C GLY B 87 -24.20 4.67 -13.89
N LYS B 88 -23.93 4.30 -12.65
CA LYS B 88 -23.39 5.22 -11.67
C LYS B 88 -22.02 5.71 -12.14
N GLU B 89 -21.85 7.04 -12.25
CA GLU B 89 -20.53 7.63 -12.51
C GLU B 89 -19.80 7.94 -11.21
N THR B 90 -18.48 7.72 -11.21
CA THR B 90 -17.70 7.91 -10.00
C THR B 90 -16.42 8.61 -10.44
N LYS B 91 -16.04 9.61 -9.69
CA LYS B 91 -14.80 10.37 -9.95
C LYS B 91 -13.71 10.03 -8.96
N SER B 92 -12.42 10.08 -9.42
CA SER B 92 -11.27 9.91 -8.55
C SER B 92 -10.36 11.11 -8.86
N ASN B 93 -9.86 11.77 -7.84
CA ASN B 93 -9.03 12.96 -8.05
C ASN B 93 -7.83 12.84 -7.14
N TYR B 94 -6.60 12.84 -7.73
CA TYR B 94 -5.39 12.65 -6.97
C TYR B 94 -4.44 13.80 -7.24
N ARG B 95 -3.84 14.35 -6.19
CA ARG B 95 -2.73 15.34 -6.33
CA ARG B 95 -2.76 15.32 -6.33
C ARG B 95 -1.47 14.59 -5.96
N VAL B 96 -0.60 14.34 -6.97
CA VAL B 96 0.60 13.51 -6.82
C VAL B 96 1.80 14.43 -6.62
N ARG B 97 2.46 14.29 -5.48
CA ARG B 97 3.70 15.02 -5.13
C ARG B 97 4.84 14.02 -5.05
N VAL B 98 5.99 14.31 -5.76
CA VAL B 98 7.05 13.34 -5.83
C VAL B 98 8.17 13.72 -4.84
N TYR B 99 8.88 12.71 -4.35
CA TYR B 99 10.01 13.00 -3.43
C TYR B 99 11.13 11.99 -3.58
N GLN B 100 12.31 12.37 -3.05
CA GLN B 100 13.39 11.43 -2.81
C GLN B 100 14.04 11.73 -1.48
N ILE B 101 14.46 10.67 -0.79
CA ILE B 101 15.17 10.78 0.47
C ILE B 101 16.67 10.87 0.19
N PRO B 102 17.35 11.91 0.72
CA PRO B 102 18.80 12.01 0.53
C PRO B 102 19.52 10.96 1.37
N GLY B 103 20.81 10.80 1.07
CA GLY B 103 21.68 10.06 1.97
C GLY B 103 21.74 10.73 3.32
N LYS B 104 22.17 9.96 4.32
CA LYS B 104 22.41 10.52 5.64
C LYS B 104 23.29 11.76 5.53
N PRO B 105 22.96 12.85 6.22
CA PRO B 105 23.81 14.05 6.16
C PRO B 105 25.13 13.82 6.85
N GLU B 106 26.12 14.61 6.44
CA GLU B 106 27.50 14.46 6.92
C GLU B 106 28.03 15.84 7.29
N ILE B 107 28.84 15.94 8.36
CA ILE B 107 29.58 17.16 8.60
C ILE B 107 30.99 16.97 8.06
N VAL B 108 31.45 17.96 7.28
CA VAL B 108 32.83 18.10 6.78
C VAL B 108 33.52 19.38 7.32
N ASP B 109 34.86 19.35 7.34
CA ASP B 109 35.66 20.49 7.76
C ASP B 109 35.31 20.94 9.18
N SER B 110 35.02 19.99 10.05
CA SER B 110 34.62 20.38 11.40
C SER B 110 35.81 20.92 12.16
N ALA B 111 35.56 21.89 13.04
CA ALA B 111 36.66 22.44 13.83
C ALA B 111 36.90 21.57 15.05
N SER B 112 38.20 21.39 15.40
CA SER B 112 38.52 20.71 16.63
CA SER B 112 38.56 20.72 16.64
C SER B 112 38.65 21.68 17.80
N GLU B 113 38.97 22.94 17.53
CA GLU B 113 39.14 23.93 18.58
CA GLU B 113 39.18 23.96 18.55
C GLU B 113 38.31 25.17 18.24
N LEU B 114 37.61 25.68 19.26
CA LEU B 114 36.95 26.98 19.16
C LEU B 114 37.55 27.92 20.19
N THR B 115 37.65 29.19 19.85
CA THR B 115 38.01 30.21 20.84
C THR B 115 36.76 30.97 21.27
N ALA B 116 36.56 31.06 22.58
CA ALA B 116 35.41 31.77 23.12
C ALA B 116 35.51 33.27 22.85
N GLY B 117 34.34 33.89 22.60
CA GLY B 117 34.32 35.33 22.46
C GLY B 117 34.67 35.89 21.09
N VAL B 118 35.03 35.03 20.15
CA VAL B 118 35.36 35.41 18.77
C VAL B 118 34.58 34.47 17.85
N PRO B 119 34.34 34.88 16.61
CA PRO B 119 33.61 33.97 15.69
C PRO B 119 34.51 32.83 15.23
N ASN B 120 33.93 31.63 15.15
CA ASN B 120 34.64 30.43 14.71
C ASN B 120 33.80 29.72 13.66
N LYS B 121 34.45 29.12 12.65
CA LYS B 121 33.79 28.16 11.77
C LYS B 121 33.68 26.80 12.45
N VAL B 122 32.46 26.34 12.72
CA VAL B 122 32.27 25.06 13.39
C VAL B 122 32.36 23.90 12.41
N GLY B 123 31.70 24.02 11.26
CA GLY B 123 31.74 22.96 10.28
C GLY B 123 30.80 23.26 9.13
N THR B 124 30.75 22.30 8.20
CA THR B 124 29.87 22.36 7.02
C THR B 124 29.07 21.10 6.96
N CYS B 125 27.75 21.23 6.91
CA CYS B 125 26.89 20.05 6.81
C CYS B 125 26.46 19.91 5.36
N VAL B 126 26.44 18.67 4.86
CA VAL B 126 26.13 18.38 3.46
C VAL B 126 25.10 17.27 3.40
N SER B 127 24.08 17.46 2.54
CA SER B 127 23.05 16.46 2.29
C SER B 127 22.93 16.29 0.80
N GLU B 128 22.94 15.05 0.29
CA GLU B 128 22.97 14.80 -1.15
C GLU B 128 21.80 13.91 -1.56
N GLY B 129 21.04 14.37 -2.54
CA GLY B 129 20.06 13.58 -3.22
C GLY B 129 18.62 13.76 -2.81
N SER B 130 18.20 14.92 -2.35
CA SER B 130 16.81 15.10 -1.92
C SER B 130 15.90 15.62 -3.02
N TYR B 131 14.57 15.32 -2.93
CA TYR B 131 13.60 16.09 -3.69
C TYR B 131 12.32 16.07 -2.86
N PRO B 132 11.64 17.20 -2.67
CA PRO B 132 12.12 18.55 -2.99
C PRO B 132 13.34 18.90 -2.16
N ALA B 133 13.86 20.13 -2.30
CA ALA B 133 15.18 20.40 -1.70
C ALA B 133 15.25 20.04 -0.21
N GLY B 134 14.23 20.51 0.59
CA GLY B 134 14.35 20.36 2.03
C GLY B 134 15.35 21.39 2.55
N THR B 135 15.65 21.29 3.85
CA THR B 135 16.50 22.31 4.51
C THR B 135 17.41 21.64 5.52
N LEU B 136 18.55 22.30 5.79
CA LEU B 136 19.46 21.86 6.84
C LEU B 136 19.39 22.83 8.03
N SER B 137 19.53 22.28 9.24
CA SER B 137 19.59 23.15 10.41
C SER B 137 20.58 22.55 11.41
N TRP B 138 21.04 23.40 12.32
CA TRP B 138 22.07 23.06 13.30
C TRP B 138 21.49 23.02 14.71
N HIS B 139 22.09 22.17 15.56
CA HIS B 139 21.68 22.00 16.95
C HIS B 139 22.92 22.09 17.83
N LEU B 140 22.75 22.65 19.01
CA LEU B 140 23.80 22.78 20.02
C LEU B 140 23.26 22.18 21.30
N ASP B 141 23.83 21.06 21.75
CA ASP B 141 23.39 20.39 22.97
C ASP B 141 21.88 20.10 22.91
N GLY B 142 21.47 19.51 21.78
CA GLY B 142 20.09 19.09 21.58
C GLY B 142 19.07 20.20 21.45
N LYS B 143 19.48 21.43 21.26
CA LYS B 143 18.56 22.51 21.06
C LYS B 143 18.83 23.18 19.72
N PRO B 144 17.80 23.59 18.99
CA PRO B 144 18.04 24.23 17.69
C PRO B 144 18.81 25.55 17.84
N LEU B 145 19.81 25.73 16.97
CA LEU B 145 20.54 26.99 16.85
C LEU B 145 19.86 27.89 15.82
N VAL B 146 19.55 29.12 16.21
CA VAL B 146 18.79 30.04 15.38
C VAL B 146 19.77 31.02 14.73
N PRO B 147 19.85 31.08 13.41
CA PRO B 147 20.78 32.03 12.77
C PRO B 147 20.48 33.46 13.16
N ASN B 148 21.56 34.25 13.31
CA ASN B 148 21.56 35.67 13.66
C ASN B 148 20.96 35.95 15.04
N GLU B 149 20.94 34.96 15.93
CA GLU B 149 20.62 35.16 17.34
C GLU B 149 21.78 34.62 18.14
N LYS B 150 22.29 35.43 19.08
CA LYS B 150 23.26 34.98 20.07
C LYS B 150 24.57 34.51 19.43
N GLY B 151 25.11 35.34 18.53
CA GLY B 151 26.40 35.05 17.89
C GLY B 151 26.43 33.84 16.97
N VAL B 152 25.31 33.50 16.33
CA VAL B 152 25.26 32.39 15.37
C VAL B 152 25.13 32.95 13.96
N SER B 153 25.95 32.44 13.03
CA SER B 153 25.88 32.81 11.62
C SER B 153 25.76 31.54 10.79
N VAL B 154 24.91 31.52 9.76
CA VAL B 154 24.83 30.37 8.87
C VAL B 154 24.84 30.90 7.45
N LYS B 155 25.60 30.20 6.58
CA LYS B 155 25.48 30.40 5.13
C LYS B 155 25.06 29.09 4.46
N GLU B 156 24.27 29.21 3.37
CA GLU B 156 23.66 28.05 2.74
C GLU B 156 23.90 28.05 1.24
N GLN B 157 23.98 26.84 0.70
CA GLN B 157 24.18 26.63 -0.72
C GLN B 157 23.30 25.49 -1.21
N THR B 158 22.73 25.63 -2.42
CA THR B 158 21.93 24.55 -3.04
C THR B 158 22.44 24.31 -4.44
N ARG B 159 22.67 23.03 -4.78
CA ARG B 159 23.01 22.65 -6.15
CA ARG B 159 23.06 22.62 -6.12
C ARG B 159 22.12 21.52 -6.59
N ARG B 160 22.04 21.34 -7.91
CA ARG B 160 21.25 20.24 -8.47
CA ARG B 160 21.24 20.26 -8.47
C ARG B 160 22.11 19.30 -9.27
N HIS B 161 21.82 18.00 -9.14
CA HIS B 161 22.50 17.01 -9.99
C HIS B 161 22.08 17.25 -11.44
N PRO B 162 23.03 17.35 -12.37
CA PRO B 162 22.68 17.74 -13.74
C PRO B 162 21.83 16.75 -14.48
N GLU B 163 21.87 15.48 -14.13
CA GLU B 163 21.02 14.53 -14.83
C GLU B 163 19.78 14.14 -14.04
N THR B 164 19.90 13.97 -12.73
CA THR B 164 18.73 13.49 -11.96
C THR B 164 17.85 14.60 -11.43
N GLY B 165 18.35 15.85 -11.32
CA GLY B 165 17.52 16.89 -10.73
C GLY B 165 17.51 16.91 -9.23
N LEU B 166 18.16 15.95 -8.57
CA LEU B 166 18.09 15.89 -7.14
C LEU B 166 18.99 16.95 -6.50
N PHE B 167 18.59 17.41 -5.31
CA PHE B 167 19.30 18.51 -4.62
C PHE B 167 20.43 18.09 -3.68
N THR B 168 21.53 18.86 -3.70
CA THR B 168 22.58 18.74 -2.69
C THR B 168 22.56 20.05 -1.92
N LEU B 169 22.52 19.97 -0.57
CA LEU B 169 22.46 21.16 0.26
C LEU B 169 23.75 21.23 1.04
N GLN B 170 24.26 22.45 1.27
CA GLN B 170 25.39 22.70 2.18
C GLN B 170 25.07 23.84 3.13
N SER B 171 25.51 23.69 4.39
CA SER B 171 25.23 24.69 5.39
C SER B 171 26.49 24.84 6.21
N GLU B 172 27.03 26.06 6.23
CA GLU B 172 28.24 26.39 7.00
C GLU B 172 27.82 27.11 8.28
N LEU B 173 28.22 26.59 9.43
CA LEU B 173 27.90 27.21 10.72
C LEU B 173 29.09 27.95 11.29
N MET B 174 28.89 29.20 11.72
CA MET B 174 29.85 29.92 12.57
C MET B 174 29.19 30.26 13.91
N VAL B 175 29.95 30.20 15.00
CA VAL B 175 29.38 30.59 16.30
C VAL B 175 30.40 31.43 17.04
N THR B 176 29.92 32.34 17.92
CA THR B 176 30.79 33.03 18.87
C THR B 176 30.48 32.46 20.25
N PRO B 177 31.27 31.50 20.76
CA PRO B 177 30.92 30.89 22.05
C PRO B 177 31.00 31.89 23.18
N ALA B 178 30.03 31.80 24.08
CA ALA B 178 29.94 32.71 25.20
C ALA B 178 31.02 32.38 26.22
N ARG B 179 31.65 33.42 26.74
CA ARG B 179 32.67 33.26 27.78
C ARG B 179 32.12 32.52 28.99
N GLY B 180 32.97 31.74 29.62
CA GLY B 180 32.51 30.92 30.73
C GLY B 180 31.49 29.90 30.33
N GLY B 181 31.54 29.39 29.10
CA GLY B 181 30.56 28.44 28.62
C GLY B 181 31.02 27.01 28.80
N ASP B 182 30.19 26.08 28.28
CA ASP B 182 30.55 24.67 28.29
C ASP B 182 31.82 24.46 27.46
N PRO B 183 32.86 23.83 28.02
CA PRO B 183 34.10 23.67 27.25
C PRO B 183 34.10 22.51 26.25
N ARG B 184 33.13 21.59 26.29
CA ARG B 184 33.00 20.54 25.29
C ARG B 184 31.57 20.50 24.72
N PRO B 185 31.16 21.54 23.98
CA PRO B 185 29.80 21.57 23.40
C PRO B 185 29.60 20.47 22.36
N THR B 186 28.33 20.14 22.11
CA THR B 186 28.00 19.10 21.14
C THR B 186 27.13 19.69 20.06
N PHE B 187 27.63 19.71 18.84
CA PHE B 187 26.87 20.24 17.70
C PHE B 187 26.43 19.12 16.79
N SER B 188 25.29 19.32 16.11
CA SER B 188 24.92 18.37 15.08
C SER B 188 24.08 19.12 14.05
N CYS B 189 23.86 18.46 12.92
CA CYS B 189 23.08 19.03 11.82
C CYS B 189 21.99 18.04 11.45
N SER B 190 20.81 18.57 11.03
CA SER B 190 19.70 17.72 10.63
CA SER B 190 19.67 17.74 10.65
C SER B 190 19.17 18.18 9.29
N PHE B 191 18.77 17.19 8.47
CA PHE B 191 18.06 17.43 7.22
C PHE B 191 16.56 17.31 7.50
N SER B 192 15.78 18.33 7.14
CA SER B 192 14.32 18.32 7.24
CA SER B 192 14.31 18.29 7.25
C SER B 192 13.71 18.22 5.86
N PRO B 193 12.99 17.12 5.54
CA PRO B 193 12.36 16.97 4.24
C PRO B 193 11.31 18.05 3.99
N GLY B 194 11.04 18.25 2.70
CA GLY B 194 10.04 19.20 2.28
C GLY B 194 8.62 18.72 2.50
N LEU B 195 8.38 17.44 2.38
CA LEU B 195 6.96 17.06 2.48
C LEU B 195 6.52 16.81 3.93
N PRO B 196 5.22 16.96 4.29
CA PRO B 196 4.79 16.74 5.69
C PRO B 196 4.93 15.28 6.16
N ARG B 197 5.24 15.14 7.45
CA ARG B 197 5.33 13.88 8.16
C ARG B 197 6.54 13.03 7.76
N HIS B 198 7.35 13.46 6.80
CA HIS B 198 8.58 12.71 6.52
C HIS B 198 9.60 12.99 7.64
N ARG B 199 10.35 11.95 8.04
CA ARG B 199 11.25 12.06 9.18
C ARG B 199 12.52 12.84 8.84
N ALA B 200 13.04 13.56 9.83
CA ALA B 200 14.35 14.23 9.73
C ALA B 200 15.48 13.19 9.79
N LEU B 201 16.64 13.58 9.24
CA LEU B 201 17.82 12.76 9.29
C LEU B 201 18.88 13.60 10.00
N ARG B 202 19.76 12.97 10.79
CA ARG B 202 20.65 13.71 11.65
C ARG B 202 22.09 13.22 11.49
N THR B 203 23.03 14.14 11.66
CA THR B 203 24.43 13.76 11.57
C THR B 203 24.91 13.22 12.89
N ALA B 204 26.00 12.50 12.82
CA ALA B 204 26.81 12.26 14.00
C ALA B 204 27.22 13.59 14.61
N PRO B 205 27.29 13.67 15.93
CA PRO B 205 27.70 14.92 16.58
C PRO B 205 29.17 15.24 16.41
N ILE B 206 29.48 16.49 16.59
CA ILE B 206 30.88 16.88 16.76
C ILE B 206 31.04 17.60 18.09
N GLN B 207 32.23 17.42 18.70
CA GLN B 207 32.48 17.90 20.05
C GLN B 207 33.81 18.61 20.08
N PRO B 208 33.85 19.86 19.64
CA PRO B 208 35.10 20.62 19.70
C PRO B 208 35.43 20.99 21.15
N ARG B 209 36.67 21.40 21.36
CA ARG B 209 37.03 22.01 22.63
C ARG B 209 36.99 23.52 22.52
N VAL B 210 36.43 24.14 23.55
CA VAL B 210 36.38 25.60 23.59
C VAL B 210 37.39 26.12 24.61
N TRP B 211 38.22 27.06 24.17
CA TRP B 211 39.26 27.70 25.00
C TRP B 211 38.74 29.01 25.50
N GLU B 212 38.82 29.21 26.82
CA GLU B 212 38.48 30.51 27.38
C GLU B 212 39.54 31.53 27.06
C ACT C . 8.65 -20.46 2.74
O ACT C . 8.28 -21.65 2.62
OXT ACT C . 9.81 -20.06 2.75
CH3 ACT C . 7.49 -19.37 2.86
C ACT D . 14.53 -22.83 2.28
O ACT D . 13.37 -22.71 2.71
OXT ACT D . 14.99 -22.59 1.10
CH3 ACT D . 15.56 -23.44 3.28
C ACT E . -20.31 -28.44 1.29
O ACT E . -19.69 -29.10 0.31
OXT ACT E . -20.20 -27.21 1.63
CH3 ACT E . -21.37 -29.26 2.20
CL CL F . 8.12 -23.82 -14.10
C01 V6Y G . 17.16 -16.10 -6.02
C02 V6Y G . 18.20 -16.86 -5.55
C03 V6Y G . 18.19 -17.22 -4.21
C04 V6Y G . 17.15 -16.84 -3.38
C05 V6Y G . 16.11 -16.06 -3.88
C06 V6Y G . 16.11 -15.69 -5.21
C08 V6Y G . 18.60 -18.01 -2.22
C09 V6Y G . 17.40 -17.30 -2.13
C10 V6Y G . 16.47 -17.06 -0.92
C11 V6Y G . 16.33 -18.05 0.03
C12 V6Y G . 15.51 -17.91 1.14
C13 V6Y G . 14.77 -16.74 1.33
C14 V6Y G . 14.89 -15.69 0.38
C15 V6Y G . 15.74 -15.82 -0.73
C16 V6Y G . 19.40 -18.79 -1.15
C20 V6Y G . 15.09 -17.96 4.26
C21 V6Y G . 16.46 -17.87 4.50
C22 V6Y G . 16.94 -17.05 5.53
C23 V6Y G . 16.05 -16.32 6.31
C24 V6Y G . 14.68 -16.40 6.07
C25 V6Y G . 14.21 -17.23 5.05
C27 V6Y G . 13.25 -14.55 6.25
C28 V6Y G . 13.94 -13.92 5.23
C29 V6Y G . 13.39 -12.80 4.69
C30 V6Y G . 12.12 -12.34 5.14
C31 V6Y G . 11.43 -12.98 6.15
C32 V6Y G . 12.02 -14.08 6.71
C33 V6Y G . 14.55 -18.87 3.14
C34 V6Y G . 11.51 -11.09 4.52
N07 V6Y G . 19.06 -17.95 -3.50
O17 V6Y G . 20.17 -19.72 -1.52
O18 V6Y G . 19.32 -18.51 0.06
O19 V6Y G . 15.45 -18.99 2.06
O26 V6Y G . 13.77 -15.70 6.86
O35 V6Y G . 11.66 -10.96 3.35
O36 V6Y G . 10.88 -10.17 5.12
C01 V6Y H . 18.67 -5.69 -16.44
C02 V6Y H . 18.54 -4.51 -15.74
C03 V6Y H . 17.41 -3.73 -15.99
C04 V6Y H . 16.39 -4.07 -16.88
C05 V6Y H . 16.53 -5.25 -17.57
C06 V6Y H . 17.66 -6.05 -17.33
C08 V6Y H . 15.92 -2.13 -15.96
C09 V6Y H . 15.48 -3.05 -16.83
C10 V6Y H . 14.14 -2.64 -17.44
C11 V6Y H . 12.94 -3.09 -16.88
C12 V6Y H . 11.73 -2.63 -17.38
C13 V6Y H . 11.74 -1.69 -18.40
C14 V6Y H . 12.92 -1.19 -18.92
C15 V6Y H . 14.14 -1.64 -18.41
C16 V6Y H . 15.12 -0.87 -15.65
C20 V6Y H . 8.28 -3.09 -16.18
C21 V6Y H . 8.59 -3.90 -15.11
C22 V6Y H . 7.67 -4.75 -14.57
C23 V6Y H . 6.42 -4.79 -15.13
C24 V6Y H . 6.09 -4.02 -16.22
C25 V6Y H . 7.00 -3.10 -16.77
C27 V6Y H . 4.34 -5.27 -17.48
C28 V6Y H . 4.00 -6.55 -17.06
C29 V6Y H . 3.51 -7.43 -18.02
C30 V6Y H . 3.31 -7.07 -19.36
C31 V6Y H . 3.61 -5.80 -19.73
C32 V6Y H . 4.10 -4.93 -18.79
C33 V6Y H . 9.49 -2.27 -16.55
C34 V6Y H . 2.78 -7.98 -20.47
N07 V6Y H . 17.09 -2.57 -15.45
O17 V6Y H . 15.45 0.32 -15.89
O18 V6Y H . 14.02 -1.11 -15.15
O19 V6Y H . 10.52 -3.15 -16.89
O26 V6Y H . 4.77 -4.21 -16.65
O35 V6Y H . 1.71 -8.63 -20.35
O36 V6Y H . 3.38 -8.05 -21.59
C ACT I . -7.16 19.48 -8.41
O ACT I . -8.25 19.00 -8.74
OXT ACT I . -6.68 20.58 -8.76
CH3 ACT I . -6.24 18.62 -7.45
CL CL J . 0.12 16.55 -23.69
C01 V6Y K . -11.91 11.62 -17.57
C02 V6Y K . -13.01 12.41 -17.85
C03 V6Y K . -13.50 13.21 -16.84
C04 V6Y K . -12.90 13.24 -15.60
C05 V6Y K . -11.80 12.43 -15.33
C06 V6Y K . -11.30 11.62 -16.34
C08 V6Y K . -14.62 14.62 -15.59
C09 V6Y K . -13.59 14.10 -14.80
C10 V6Y K . -13.20 14.39 -13.32
C11 V6Y K . -13.38 15.67 -12.82
C12 V6Y K . -13.05 15.99 -11.50
C13 V6Y K . -12.51 15.02 -10.66
C14 V6Y K . -12.33 13.70 -11.15
C15 V6Y K . -12.69 13.38 -12.45
C16 V6Y K . -15.72 15.65 -15.26
C20 V6Y K . -13.89 17.20 -8.69
C21 V6Y K . -15.23 17.06 -9.00
C22 V6Y K . -16.14 16.63 -8.03
C23 V6Y K . -15.69 16.33 -6.75
C24 V6Y K . -14.34 16.46 -6.44
C25 V6Y K . -13.44 16.89 -7.40
C27 V6Y K . -13.25 14.94 -5.02
C28 V6Y K . -12.36 14.76 -3.96
C29 V6Y K . -11.67 13.59 -3.81
C30 V6Y K . -11.94 12.58 -4.72
C31 V6Y K . -12.87 12.76 -5.79
C32 V6Y K . -13.51 13.94 -5.95
C33 V6Y K . -12.88 17.68 -9.76
C34 V6Y K . -11.22 11.26 -4.58
N07 V6Y K . -14.55 14.06 -16.83
O17 V6Y K . -16.15 15.81 -14.09
O18 V6Y K . -16.22 16.33 -16.19
O19 V6Y K . -13.27 17.33 -11.06
O26 V6Y K . -13.89 16.17 -5.14
O35 V6Y K . -10.94 10.62 -3.51
O36 V6Y K . -10.91 10.73 -5.60
C01 V6Y L . -5.66 -4.74 -19.89
C02 V6Y L . -5.12 -6.02 -19.79
C03 V6Y L . -3.77 -6.17 -19.52
C04 V6Y L . -3.00 -5.06 -19.34
C05 V6Y L . -3.51 -3.79 -19.44
C06 V6Y L . -4.86 -3.65 -19.71
C08 V6Y L . -1.73 -6.85 -19.08
C09 V6Y L . -1.78 -5.47 -19.04
C10 V6Y L . -0.67 -4.50 -18.86
C11 V6Y L . -0.13 -4.03 -17.68
C12 V6Y L . 0.92 -3.14 -17.86
C13 V6Y L . 1.34 -2.76 -19.12
C14 V6Y L . 0.80 -3.24 -20.27
C15 V6Y L . -0.22 -4.12 -20.11
C16 V6Y L . -0.51 -7.71 -18.84
C20 V6Y L . 3.59 -1.38 -18.03
C21 V6Y L . 3.10 -0.14 -17.80
C22 V6Y L . 3.71 0.91 -18.43
C23 V6Y L . 4.79 0.68 -19.25
C24 V6Y L . 5.31 -0.56 -19.50
C25 V6Y L . 4.68 -1.62 -18.87
C27 V6Y L . 7.52 -0.03 -19.68
C28 V6Y L . 7.98 1.25 -19.95
C29 V6Y L . 9.03 1.85 -19.25
C30 V6Y L . 9.67 1.19 -18.23
C31 V6Y L . 9.19 -0.06 -17.95
C32 V6Y L . 8.16 -0.69 -18.64
C33 V6Y L . 2.94 -2.56 -17.31
C34 V6Y L . 10.84 1.77 -17.39
N07 V6Y L . -2.99 -7.27 -19.35
O17 V6Y L . 0.58 -7.16 -18.55
O18 V6Y L . -0.57 -8.96 -18.97
O19 V6Y L . 1.60 -2.52 -16.86
O26 V6Y L . 6.43 -0.65 -20.36
O35 V6Y L . 12.02 1.26 -17.48
O36 V6Y L . 10.62 2.75 -16.58
#